data_3SWT
#
_entry.id   3SWT
#
_cell.length_a   69.098
_cell.length_b   89.078
_cell.length_c   104.703
_cell.angle_alpha   90.000
_cell.angle_beta   90.000
_cell.angle_gamma   90.000
#
_symmetry.space_group_name_H-M   'P 21 2 21'
#
loop_
_entity.id
_entity.type
_entity.pdbx_description
1 polymer 'Taurine catabolism dioxygenase, TauD'
2 non-polymer 'FE (III) ION'
3 non-polymer 1,2-ETHANEDIOL
4 non-polymer DI(HYDROXYETHYL)ETHER
5 water water
#
_entity_poly.entity_id   1
_entity_poly.type   'polypeptide(L)'
_entity_poly.pdbx_seq_one_letter_code
;GPGSMTDLITVKKLGSRIGAQVDGVSLGADLDAAAVDQIRAALLEHKVIFFRNQHHLDDQQQLQFAGLLGTPIGHPAAAA
ALPDAPIITPINSEWGKANRWHTDVTFAANYPAASILRAVTLPNYGGSTLWANTATAYAELPEPLKCLVENLWALHTNRY
DYVANEAVQALTDTQQAFRQAFQKPDFRTEHPVVRVHPETGERTLLAGDFVRGFVGLDSQESSALFELLQRRITSPENTI
RWNWESGDVAIWDNRATQHRAIDDYDDQHRLLHRVTLMGDVPVDVHGQRSRVISGAPLALAG
;
_entity_poly.pdbx_strand_id   A,B
#
# COMPACT_ATOMS: atom_id res chain seq x y z
N LEU A 8 3.67 -21.10 -11.31
CA LEU A 8 4.33 -20.06 -10.48
C LEU A 8 4.48 -18.73 -11.24
N ILE A 9 4.43 -17.63 -10.51
CA ILE A 9 4.73 -16.34 -11.09
C ILE A 9 6.23 -16.12 -11.08
N THR A 10 6.71 -15.55 -12.19
CA THR A 10 8.11 -15.38 -12.51
C THR A 10 8.36 -13.91 -12.91
N VAL A 11 9.41 -13.32 -12.36
CA VAL A 11 9.77 -11.92 -12.61
C VAL A 11 11.18 -11.88 -13.18
N LYS A 12 11.30 -11.43 -14.43
CA LYS A 12 12.56 -11.44 -15.16
C LYS A 12 13.03 -10.01 -15.44
N LYS A 13 14.17 -9.65 -14.85
CA LYS A 13 14.79 -8.36 -15.01
C LYS A 13 15.18 -8.14 -16.47
N LEU A 14 14.92 -6.94 -16.98
CA LEU A 14 15.21 -6.59 -18.38
C LEU A 14 16.43 -5.67 -18.52
N GLY A 15 16.80 -4.98 -17.45
CA GLY A 15 18.00 -4.14 -17.46
C GLY A 15 18.43 -3.90 -16.03
N SER A 16 19.63 -3.38 -15.85
CA SER A 16 20.20 -3.15 -14.53
C SER A 16 19.32 -2.33 -13.56
N ARG A 17 18.72 -1.24 -14.04
CA ARG A 17 18.10 -0.27 -13.17
C ARG A 17 16.58 -0.21 -13.32
N ILE A 18 16.06 -0.70 -14.44
CA ILE A 18 14.64 -0.57 -14.73
C ILE A 18 14.14 -1.68 -15.64
N GLY A 19 12.93 -2.14 -15.34
CA GLY A 19 12.17 -2.98 -16.25
C GLY A 19 12.24 -4.45 -15.89
N ALA A 20 11.07 -5.11 -15.89
CA ALA A 20 10.97 -6.56 -15.67
C ALA A 20 9.74 -7.11 -16.41
N GLN A 21 9.88 -8.35 -16.88
CA GLN A 21 8.77 -9.05 -17.50
C GLN A 21 8.24 -10.09 -16.51
N VAL A 22 6.92 -10.14 -16.39
CA VAL A 22 6.27 -10.99 -15.39
C VAL A 22 5.55 -12.05 -16.20
N ASP A 23 5.99 -13.30 -16.00
CA ASP A 23 5.39 -14.48 -16.63
C ASP A 23 4.60 -15.30 -15.61
N GLY A 24 3.68 -16.12 -16.09
CA GLY A 24 2.87 -17.00 -15.23
C GLY A 24 1.60 -16.37 -14.71
N VAL A 25 1.25 -15.19 -15.20
CA VAL A 25 0.08 -14.49 -14.73
C VAL A 25 -0.86 -14.26 -15.90
N SER A 26 -2.13 -14.61 -15.73
CA SER A 26 -3.21 -14.12 -16.60
C SER A 26 -3.95 -12.95 -15.92
N LEU A 27 -3.80 -11.75 -16.45
CA LEU A 27 -4.33 -10.57 -15.80
C LEU A 27 -5.86 -10.61 -15.82
N GLY A 28 -6.47 -10.27 -14.70
CA GLY A 28 -7.93 -10.24 -14.61
C GLY A 28 -8.48 -9.96 -13.22
N ALA A 29 -9.81 -10.06 -13.10
CA ALA A 29 -10.56 -9.76 -11.87
C ALA A 29 -10.26 -10.73 -10.75
N ASP A 30 -9.89 -11.95 -11.13
CA ASP A 30 -9.91 -13.08 -10.22
C ASP A 30 -8.56 -13.44 -9.58
N LEU A 31 -7.54 -12.61 -9.74
CA LEU A 31 -6.21 -12.97 -9.21
C LEU A 31 -6.29 -12.98 -7.70
N ASP A 32 -5.68 -13.96 -7.07
CA ASP A 32 -5.76 -14.07 -5.62
C ASP A 32 -4.80 -13.08 -4.96
N ALA A 33 -4.93 -12.97 -3.64
CA ALA A 33 -4.19 -11.99 -2.90
C ALA A 33 -2.69 -12.13 -3.05
N ALA A 34 -2.17 -13.36 -3.01
CA ALA A 34 -0.71 -13.57 -3.10
C ALA A 34 -0.16 -13.16 -4.49
N ALA A 35 -0.97 -13.38 -5.51
CA ALA A 35 -0.60 -12.98 -6.88
C ALA A 35 -0.51 -11.45 -6.99
N VAL A 36 -1.53 -10.76 -6.47
CA VAL A 36 -1.55 -9.30 -6.43
C VAL A 36 -0.38 -8.76 -5.60
N ASP A 37 -0.07 -9.40 -4.47
CA ASP A 37 1.12 -9.03 -3.69
C ASP A 37 2.44 -9.06 -4.54
N GLN A 38 2.62 -10.13 -5.28
CA GLN A 38 3.82 -10.32 -6.11
C GLN A 38 3.89 -9.28 -7.19
N ILE A 39 2.77 -9.01 -7.82
CA ILE A 39 2.70 -8.00 -8.85
C ILE A 39 3.05 -6.64 -8.28
N ARG A 40 2.47 -6.30 -7.11
CA ARG A 40 2.79 -5.02 -6.50
C ARG A 40 4.27 -4.96 -6.15
N ALA A 41 4.81 -6.03 -5.59
CA ALA A 41 6.24 -6.05 -5.22
C ALA A 41 7.12 -5.79 -6.45
N ALA A 42 6.79 -6.46 -7.56
CA ALA A 42 7.57 -6.31 -8.82
C ALA A 42 7.50 -4.87 -9.38
N LEU A 43 6.31 -4.28 -9.37
CA LEU A 43 6.10 -2.91 -9.79
C LEU A 43 6.99 -1.95 -8.98
N LEU A 44 6.98 -2.12 -7.65
CA LEU A 44 7.72 -1.25 -6.76
C LEU A 44 9.24 -1.33 -6.98
N GLU A 45 9.74 -2.54 -7.17
CA GLU A 45 11.19 -2.76 -7.34
C GLU A 45 11.71 -2.39 -8.75
N HIS A 46 10.98 -2.78 -9.78
CA HIS A 46 11.44 -2.66 -11.19
C HIS A 46 10.89 -1.45 -11.94
N LYS A 47 9.90 -0.81 -11.33
CA LYS A 47 9.38 0.51 -11.75
C LYS A 47 8.43 0.50 -12.93
N VAL A 48 8.76 -0.30 -13.95
CA VAL A 48 7.80 -0.66 -14.98
C VAL A 48 7.90 -2.16 -15.23
N ILE A 49 6.73 -2.80 -15.29
CA ILE A 49 6.64 -4.23 -15.55
C ILE A 49 5.72 -4.53 -16.71
N PHE A 50 6.01 -5.62 -17.39
CA PHE A 50 5.35 -5.99 -18.62
C PHE A 50 4.81 -7.44 -18.53
N PHE A 51 3.57 -7.58 -18.99
CA PHE A 51 2.90 -8.86 -19.16
C PHE A 51 2.63 -9.05 -20.64
N ARG A 52 3.06 -10.18 -21.20
CA ARG A 52 2.84 -10.45 -22.63
C ARG A 52 1.72 -11.47 -22.83
N ASN A 53 1.23 -11.57 -24.06
CA ASN A 53 0.20 -12.58 -24.41
C ASN A 53 -1.04 -12.55 -23.53
N GLN A 54 -1.44 -11.35 -23.14
CA GLN A 54 -2.71 -11.12 -22.44
C GLN A 54 -3.83 -10.92 -23.45
N HIS A 55 -3.95 -11.88 -24.35
CA HIS A 55 -4.81 -11.74 -25.52
C HIS A 55 -6.30 -11.74 -25.12
N HIS A 56 -6.61 -12.41 -24.02
CA HIS A 56 -7.97 -12.47 -23.49
C HIS A 56 -8.51 -11.15 -22.92
N LEU A 57 -7.65 -10.16 -22.65
CA LEU A 57 -8.08 -8.96 -21.90
C LEU A 57 -8.95 -7.99 -22.71
N ASP A 58 -9.93 -7.38 -22.06
CA ASP A 58 -10.71 -6.29 -22.64
C ASP A 58 -10.74 -5.16 -21.64
N ASP A 59 -11.41 -4.07 -21.99
CA ASP A 59 -11.50 -2.90 -21.10
C ASP A 59 -12.06 -3.22 -19.70
N GLN A 60 -13.15 -4.00 -19.66
CA GLN A 60 -13.81 -4.33 -18.38
C GLN A 60 -12.86 -5.12 -17.48
N GLN A 61 -12.16 -6.11 -18.02
CA GLN A 61 -11.22 -6.92 -17.22
C GLN A 61 -9.98 -6.12 -16.81
N GLN A 62 -9.50 -5.24 -17.70
CA GLN A 62 -8.40 -4.31 -17.37
C GLN A 62 -8.76 -3.43 -16.18
N LEU A 63 -9.96 -2.86 -16.22
CA LEU A 63 -10.47 -2.00 -15.15
C LEU A 63 -10.63 -2.77 -13.83
N GLN A 64 -11.31 -3.93 -13.88
CA GLN A 64 -11.45 -4.80 -12.70
C GLN A 64 -10.07 -5.15 -12.10
N PHE A 65 -9.11 -5.54 -12.96
CA PHE A 65 -7.75 -5.84 -12.50
C PHE A 65 -7.08 -4.62 -11.84
N ALA A 66 -7.16 -3.46 -12.48
CA ALA A 66 -6.65 -2.22 -11.91
C ALA A 66 -7.15 -1.99 -10.46
N GLY A 67 -8.41 -2.27 -10.20
CA GLY A 67 -9.02 -2.15 -8.86
C GLY A 67 -8.37 -2.98 -7.77
N LEU A 68 -7.73 -4.09 -8.16
CA LEU A 68 -6.95 -4.92 -7.21
C LEU A 68 -5.69 -4.19 -6.71
N LEU A 69 -5.17 -3.25 -7.50
CA LEU A 69 -3.93 -2.53 -7.15
C LEU A 69 -4.15 -1.16 -6.55
N GLY A 70 -5.33 -0.58 -6.78
CA GLY A 70 -5.64 0.76 -6.28
C GLY A 70 -7.01 1.27 -6.69
N THR A 71 -7.19 2.59 -6.66
CA THR A 71 -8.47 3.22 -6.97
C THR A 71 -8.40 3.87 -8.34
N PRO A 72 -9.15 3.33 -9.33
CA PRO A 72 -9.06 3.93 -10.65
C PRO A 72 -9.57 5.38 -10.70
N ILE A 73 -8.85 6.21 -11.45
CA ILE A 73 -9.07 7.65 -11.51
C ILE A 73 -9.50 8.03 -12.92
N ALA A 98 2.72 14.13 -25.20
CA ALA A 98 3.07 12.72 -24.98
C ALA A 98 4.54 12.45 -25.39
N ASN A 99 5.01 13.18 -26.41
CA ASN A 99 6.40 13.10 -26.92
C ASN A 99 7.46 13.92 -26.17
N ARG A 100 7.16 14.38 -24.95
CA ARG A 100 8.19 14.91 -24.08
C ARG A 100 8.20 14.08 -22.82
N TRP A 101 9.39 13.92 -22.26
CA TRP A 101 9.60 13.16 -21.06
C TRP A 101 8.84 13.84 -19.91
N HIS A 102 7.99 13.08 -19.23
CA HIS A 102 7.19 13.60 -18.13
C HIS A 102 6.81 12.54 -17.12
N THR A 103 6.46 13.02 -15.92
CA THR A 103 5.75 12.23 -14.92
C THR A 103 4.29 12.67 -15.07
N ASP A 104 3.36 11.73 -14.94
CA ASP A 104 1.96 12.02 -15.25
C ASP A 104 1.28 13.00 -14.33
N VAL A 105 0.65 14.01 -14.94
CA VAL A 105 -0.24 14.96 -14.27
C VAL A 105 0.39 15.69 -13.08
N THR A 106 1.69 16.01 -13.16
CA THR A 106 2.38 16.59 -11.99
C THR A 106 2.09 18.06 -11.76
N PHE A 107 1.30 18.68 -12.63
CA PHE A 107 0.70 19.98 -12.31
C PHE A 107 -0.33 19.88 -11.16
N ALA A 108 -0.76 18.66 -10.83
CA ALA A 108 -1.67 18.43 -9.69
C ALA A 108 -0.86 18.03 -8.48
N ALA A 109 -1.36 18.36 -7.29
CA ALA A 109 -0.65 18.06 -6.06
C ALA A 109 -0.67 16.56 -5.82
N ASN A 110 -1.84 15.92 -5.92
CA ASN A 110 -1.95 14.46 -5.69
C ASN A 110 -2.04 13.71 -7.00
N TYR A 111 -0.92 13.69 -7.71
CA TYR A 111 -0.94 13.14 -9.05
C TYR A 111 -0.91 11.59 -8.98
N PRO A 112 -1.28 10.93 -10.07
CA PRO A 112 -1.42 9.47 -10.03
C PRO A 112 -0.24 8.67 -9.49
N ALA A 113 -0.53 7.52 -8.88
CA ALA A 113 0.48 6.57 -8.40
C ALA A 113 1.07 5.66 -9.48
N ALA A 114 0.24 5.26 -10.43
CA ALA A 114 0.54 4.16 -11.33
C ALA A 114 -0.47 4.16 -12.47
N SER A 115 -0.09 3.61 -13.62
CA SER A 115 -1.06 3.37 -14.69
C SER A 115 -0.88 1.99 -15.23
N ILE A 116 -1.92 1.49 -15.86
CA ILE A 116 -1.95 0.17 -16.46
C ILE A 116 -2.36 0.40 -17.89
N LEU A 117 -1.48 0.00 -18.83
CA LEU A 117 -1.63 0.36 -20.22
C LEU A 117 -1.61 -0.88 -21.10
N ARG A 118 -2.67 -1.06 -21.88
CA ARG A 118 -2.87 -2.26 -22.69
C ARG A 118 -2.84 -1.90 -24.17
N ALA A 119 -2.02 -2.62 -24.94
CA ALA A 119 -2.00 -2.51 -26.40
C ALA A 119 -3.31 -3.02 -26.97
N VAL A 120 -3.97 -2.20 -27.77
CA VAL A 120 -5.18 -2.59 -28.50
C VAL A 120 -4.88 -2.78 -30.00
N THR A 121 -4.32 -1.75 -30.63
CA THR A 121 -3.96 -1.81 -32.05
C THR A 121 -2.63 -1.11 -32.28
N LEU A 122 -1.70 -1.80 -32.95
CA LEU A 122 -0.32 -1.35 -33.11
C LEU A 122 0.07 -1.19 -34.58
N PRO A 123 0.94 -0.20 -34.87
CA PRO A 123 1.40 0.01 -36.25
C PRO A 123 2.38 -1.07 -36.68
N ASN A 124 2.62 -1.14 -37.97
CA ASN A 124 3.51 -2.16 -38.55
C ASN A 124 4.97 -1.93 -38.18
N TYR A 125 5.31 -0.71 -37.79
CA TYR A 125 6.66 -0.42 -37.31
C TYR A 125 6.65 0.79 -36.40
N GLY A 126 7.71 0.92 -35.59
CA GLY A 126 7.83 2.02 -34.63
C GLY A 126 6.83 1.87 -33.50
N GLY A 127 6.64 2.92 -32.73
CA GLY A 127 5.60 2.91 -31.67
C GLY A 127 6.11 2.46 -30.33
N SER A 128 7.44 2.46 -30.15
CA SER A 128 7.98 2.09 -28.83
C SER A 128 7.68 3.15 -27.75
N THR A 129 7.85 2.76 -26.48
CA THR A 129 7.63 3.67 -25.36
C THR A 129 8.86 3.63 -24.47
N LEU A 130 9.24 4.80 -23.93
CA LEU A 130 10.38 4.91 -23.02
C LEU A 130 9.91 5.13 -21.56
N TRP A 131 10.57 4.50 -20.60
CA TRP A 131 10.45 4.81 -19.17
C TRP A 131 11.84 5.06 -18.56
N ALA A 132 11.92 5.97 -17.59
CA ALA A 132 13.13 6.25 -16.81
C ALA A 132 12.86 6.02 -15.32
N ASN A 133 13.86 5.59 -14.58
CA ASN A 133 13.73 5.31 -13.15
C ASN A 133 14.20 6.54 -12.37
N THR A 134 13.28 7.27 -11.75
CA THR A 134 13.64 8.45 -11.01
C THR A 134 14.19 8.18 -9.60
N ALA A 135 14.14 6.92 -9.13
CA ALA A 135 14.82 6.52 -7.87
C ALA A 135 16.32 6.35 -8.04
N THR A 136 16.71 5.54 -9.02
CA THR A 136 18.14 5.38 -9.28
C THR A 136 18.75 6.70 -9.74
N ALA A 137 18.00 7.50 -10.48
CA ALA A 137 18.51 8.82 -10.88
C ALA A 137 18.95 9.62 -9.65
N TYR A 138 18.11 9.64 -8.62
CA TYR A 138 18.49 10.35 -7.38
C TYR A 138 19.70 9.71 -6.75
N ALA A 139 19.65 8.37 -6.61
CA ALA A 139 20.64 7.63 -5.83
C ALA A 139 22.05 7.80 -6.42
N GLU A 140 22.11 7.89 -7.74
CA GLU A 140 23.37 8.03 -8.46
CA GLU A 140 23.39 8.02 -8.40
C GLU A 140 23.89 9.46 -8.47
N LEU A 141 23.09 10.43 -8.00
CA LEU A 141 23.59 11.81 -8.01
C LEU A 141 24.88 11.94 -7.19
N PRO A 142 25.86 12.70 -7.71
CA PRO A 142 26.97 13.14 -6.87
C PRO A 142 26.49 13.89 -5.63
N GLU A 143 27.22 13.78 -4.53
CA GLU A 143 26.82 14.40 -3.26
C GLU A 143 26.40 15.86 -3.38
N PRO A 144 27.19 16.70 -4.03
CA PRO A 144 26.76 18.10 -4.13
C PRO A 144 25.43 18.30 -4.86
N LEU A 145 25.13 17.46 -5.85
CA LEU A 145 23.85 17.54 -6.53
C LEU A 145 22.72 17.01 -5.61
N LYS A 146 23.00 16.02 -4.77
CA LYS A 146 22.01 15.57 -3.81
C LYS A 146 21.65 16.76 -2.90
N CYS A 147 22.67 17.47 -2.39
CA CYS A 147 22.39 18.63 -1.53
C CYS A 147 21.50 19.67 -2.28
N LEU A 148 21.79 19.90 -3.55
CA LEU A 148 20.98 20.82 -4.34
C LEU A 148 19.52 20.41 -4.40
N VAL A 149 19.28 19.17 -4.84
CA VAL A 149 17.91 18.73 -5.14
C VAL A 149 17.05 18.52 -3.89
N GLU A 150 17.67 18.12 -2.78
CA GLU A 150 16.93 17.88 -1.56
C GLU A 150 16.28 19.15 -0.97
N ASN A 151 16.76 20.32 -1.38
CA ASN A 151 16.14 21.58 -0.96
C ASN A 151 15.56 22.42 -2.11
N LEU A 152 15.37 21.81 -3.28
CA LEU A 152 14.89 22.51 -4.46
C LEU A 152 13.42 22.18 -4.66
N TRP A 153 12.67 23.19 -5.10
CA TRP A 153 11.24 23.07 -5.36
C TRP A 153 10.98 23.56 -6.79
N ALA A 154 9.99 22.97 -7.46
CA ALA A 154 9.68 23.30 -8.84
C ALA A 154 8.24 23.67 -8.99
N LEU A 155 7.96 24.69 -9.79
CA LEU A 155 6.58 25.00 -10.14
C LEU A 155 6.18 24.14 -11.33
N HIS A 156 5.21 23.25 -11.13
CA HIS A 156 4.56 22.54 -12.25
C HIS A 156 3.22 23.18 -12.67
N THR A 157 2.98 23.30 -13.97
CA THR A 157 1.69 23.83 -14.45
C THR A 157 1.22 23.07 -15.66
N ASN A 158 -0.06 23.20 -15.97
CA ASN A 158 -0.63 22.62 -17.20
C ASN A 158 -0.72 23.55 -18.43
N ARG A 159 -0.05 24.70 -18.44
CA ARG A 159 -0.23 25.68 -19.57
C ARG A 159 1.07 26.24 -20.12
N PRO A 185 -8.41 24.47 -17.68
CA PRO A 185 -8.16 24.65 -16.24
C PRO A 185 -6.81 25.33 -15.96
N ASP A 186 -6.61 25.81 -14.74
CA ASP A 186 -5.37 26.45 -14.31
C ASP A 186 -4.81 25.69 -13.11
N PHE A 187 -3.94 24.73 -13.38
CA PHE A 187 -3.33 23.93 -12.34
C PHE A 187 -1.90 24.43 -12.15
N ARG A 188 -1.56 24.81 -10.93
CA ARG A 188 -0.20 25.22 -10.61
C ARG A 188 0.17 24.65 -9.25
N THR A 189 1.28 23.91 -9.20
CA THR A 189 1.71 23.25 -7.96
C THR A 189 3.21 23.44 -7.80
N GLU A 190 3.64 23.79 -6.58
CA GLU A 190 5.03 23.75 -6.20
C GLU A 190 5.30 22.41 -5.55
N HIS A 191 6.02 21.55 -6.28
CA HIS A 191 6.46 20.25 -5.82
C HIS A 191 7.94 20.29 -5.39
N PRO A 192 8.31 19.48 -4.41
CA PRO A 192 9.73 19.29 -4.14
C PRO A 192 10.38 18.47 -5.27
N VAL A 193 11.66 18.72 -5.56
CA VAL A 193 12.37 17.97 -6.60
C VAL A 193 12.78 16.57 -6.11
N VAL A 194 12.88 16.39 -4.80
CA VAL A 194 13.05 15.06 -4.22
C VAL A 194 11.83 14.67 -3.41
N ARG A 195 11.19 13.58 -3.83
CA ARG A 195 10.00 13.05 -3.17
C ARG A 195 10.40 11.73 -2.47
N VAL A 196 9.86 11.47 -1.29
CA VAL A 196 10.15 10.22 -0.55
C VAL A 196 9.00 9.26 -0.86
N HIS A 197 9.26 8.22 -1.64
CA HIS A 197 8.21 7.28 -2.09
C HIS A 197 7.49 6.66 -0.89
N PRO A 198 6.15 6.72 -0.87
CA PRO A 198 5.39 6.32 0.32
C PRO A 198 5.24 4.81 0.55
N GLU A 199 5.63 3.97 -0.39
CA GLU A 199 5.66 2.51 -0.16
C GLU A 199 7.05 1.88 -0.09
N THR A 200 8.04 2.44 -0.82
CA THR A 200 9.40 1.90 -0.78
C THR A 200 10.29 2.69 0.18
N GLY A 201 9.92 3.91 0.51
CA GLY A 201 10.83 4.82 1.21
C GLY A 201 11.95 5.41 0.36
N GLU A 202 12.00 5.09 -0.93
CA GLU A 202 13.08 5.57 -1.79
C GLU A 202 12.93 7.05 -2.12
N ARG A 203 14.03 7.77 -2.11
CA ARG A 203 14.06 9.14 -2.62
C ARG A 203 14.02 9.13 -4.15
N THR A 204 13.12 9.88 -4.76
CA THR A 204 12.99 9.89 -6.23
C THR A 204 12.92 11.31 -6.77
N LEU A 205 13.45 11.54 -7.97
CA LEU A 205 13.45 12.87 -8.56
C LEU A 205 12.09 13.20 -9.19
N LEU A 206 11.62 14.42 -8.97
CA LEU A 206 10.34 14.86 -9.46
C LEU A 206 10.57 16.06 -10.36
N ALA A 207 10.55 15.83 -11.67
CA ALA A 207 10.80 16.91 -12.61
C ALA A 207 9.93 16.67 -13.85
N GLY A 208 10.50 16.61 -15.05
CA GLY A 208 9.73 16.34 -16.24
C GLY A 208 9.07 17.55 -16.85
N ASP A 209 8.38 17.31 -17.96
CA ASP A 209 7.97 18.40 -18.85
C ASP A 209 7.04 19.46 -18.24
N PHE A 210 6.32 19.12 -17.18
CA PHE A 210 5.39 20.09 -16.59
C PHE A 210 6.06 21.16 -15.75
N VAL A 211 7.36 20.99 -15.45
CA VAL A 211 8.12 21.99 -14.72
C VAL A 211 8.20 23.26 -15.53
N ARG A 212 7.80 24.39 -14.95
CA ARG A 212 7.95 25.68 -15.62
C ARG A 212 9.21 26.41 -15.12
N GLY A 213 9.73 26.02 -13.96
CA GLY A 213 10.82 26.77 -13.34
C GLY A 213 11.05 26.27 -11.93
N PHE A 214 12.20 26.58 -11.36
CA PHE A 214 12.44 26.23 -9.96
C PHE A 214 12.21 27.47 -9.11
N VAL A 215 11.64 27.25 -7.93
CA VAL A 215 11.26 28.34 -7.04
C VAL A 215 12.52 29.06 -6.57
N GLY A 216 12.55 30.38 -6.77
CA GLY A 216 13.67 31.25 -6.35
C GLY A 216 14.82 31.37 -7.32
N LEU A 217 14.73 30.68 -8.46
CA LEU A 217 15.78 30.74 -9.48
C LEU A 217 15.29 31.49 -10.70
N ASP A 218 16.22 32.16 -11.39
CA ASP A 218 15.95 32.91 -12.62
CA ASP A 218 15.82 32.90 -12.60
C ASP A 218 15.71 31.90 -13.76
N SER A 219 15.12 32.32 -14.88
CA SER A 219 14.78 31.33 -15.89
C SER A 219 15.99 30.66 -16.58
N GLN A 220 17.09 31.36 -16.82
CA GLN A 220 18.28 30.73 -17.42
C GLN A 220 18.82 29.66 -16.48
N GLU A 221 18.86 30.01 -15.20
CA GLU A 221 19.31 29.12 -14.14
C GLU A 221 18.45 27.87 -14.08
N SER A 222 17.14 28.08 -14.06
CA SER A 222 16.21 26.96 -13.95
C SER A 222 16.39 25.99 -15.11
N SER A 223 16.45 26.53 -16.31
CA SER A 223 16.70 25.74 -17.51
C SER A 223 17.96 24.91 -17.45
N ALA A 224 19.04 25.52 -16.98
CA ALA A 224 20.34 24.83 -16.93
C ALA A 224 20.23 23.65 -16.01
N LEU A 225 19.56 23.86 -14.87
CA LEU A 225 19.46 22.82 -13.84
C LEU A 225 18.46 21.75 -14.28
N PHE A 226 17.36 22.17 -14.89
CA PHE A 226 16.39 21.25 -15.44
C PHE A 226 17.04 20.31 -16.45
N GLU A 227 17.84 20.85 -17.37
CA GLU A 227 18.45 20.03 -18.40
CA GLU A 227 18.45 20.03 -18.40
C GLU A 227 19.45 19.05 -17.82
N LEU A 228 20.22 19.50 -16.83
CA LEU A 228 21.20 18.65 -16.18
C LEU A 228 20.52 17.43 -15.52
N LEU A 229 19.42 17.67 -14.82
CA LEU A 229 18.71 16.62 -14.14
C LEU A 229 18.04 15.69 -15.14
N GLN A 230 17.41 16.26 -16.17
CA GLN A 230 16.75 15.44 -17.15
C GLN A 230 17.71 14.53 -17.90
N ARG A 231 18.92 15.00 -18.11
CA ARG A 231 19.88 14.23 -18.87
C ARG A 231 20.33 12.97 -18.07
N ARG A 232 20.42 13.12 -16.76
CA ARG A 232 20.70 11.98 -15.88
C ARG A 232 19.52 11.05 -15.79
N ILE A 233 18.33 11.60 -15.58
CA ILE A 233 17.11 10.81 -15.51
C ILE A 233 16.86 9.97 -16.79
N THR A 234 17.13 10.55 -17.95
CA THR A 234 16.78 9.95 -19.24
C THR A 234 17.98 9.28 -19.93
N SER A 235 19.10 9.21 -19.22
CA SER A 235 20.25 8.51 -19.73
C SER A 235 19.88 7.06 -20.12
N PRO A 236 20.45 6.54 -21.22
CA PRO A 236 20.17 5.15 -21.65
C PRO A 236 20.33 4.06 -20.56
N GLU A 237 21.33 4.21 -19.69
CA GLU A 237 21.61 3.28 -18.59
C GLU A 237 20.46 3.25 -17.59
N ASN A 238 19.67 4.33 -17.57
CA ASN A 238 18.58 4.52 -16.62
C ASN A 238 17.19 4.33 -17.21
N THR A 239 17.08 3.82 -18.43
CA THR A 239 15.80 3.81 -19.13
C THR A 239 15.63 2.48 -19.84
N ILE A 240 14.40 2.17 -20.24
CA ILE A 240 14.05 1.01 -21.02
C ILE A 240 13.11 1.51 -22.12
N ARG A 241 13.34 1.02 -23.33
CA ARG A 241 12.51 1.33 -24.47
C ARG A 241 11.77 0.07 -24.87
N TRP A 242 10.46 0.07 -24.73
CA TRP A 242 9.70 -1.16 -24.96
C TRP A 242 9.10 -1.25 -26.36
N ASN A 243 9.27 -2.39 -27.01
CA ASN A 243 8.66 -2.72 -28.29
C ASN A 243 7.35 -3.50 -28.08
N TRP A 244 6.24 -2.85 -28.38
CA TRP A 244 4.94 -3.40 -28.09
C TRP A 244 4.58 -4.47 -29.11
N GLU A 245 4.07 -5.58 -28.59
CA GLU A 245 3.41 -6.60 -29.39
C GLU A 245 1.97 -6.78 -28.87
N SER A 246 1.13 -7.34 -29.75
CA SER A 246 -0.27 -7.59 -29.46
C SER A 246 -0.38 -8.40 -28.20
N GLY A 247 -1.27 -8.00 -27.30
CA GLY A 247 -1.45 -8.70 -26.00
C GLY A 247 -0.60 -8.22 -24.85
N ASP A 248 0.27 -7.23 -25.10
CA ASP A 248 1.15 -6.65 -24.08
C ASP A 248 0.38 -5.75 -23.14
N VAL A 249 0.78 -5.78 -21.86
CA VAL A 249 0.30 -4.81 -20.87
C VAL A 249 1.50 -4.31 -20.07
N ALA A 250 1.60 -2.99 -19.91
CA ALA A 250 2.64 -2.37 -19.06
C ALA A 250 2.00 -1.73 -17.83
N ILE A 251 2.70 -1.80 -16.72
CA ILE A 251 2.27 -1.14 -15.50
C ILE A 251 3.48 -0.41 -14.97
N TRP A 252 3.36 0.89 -14.70
CA TRP A 252 4.48 1.62 -14.20
C TRP A 252 4.10 2.42 -12.97
N ASP A 253 5.09 2.63 -12.12
CA ASP A 253 4.92 3.38 -10.89
C ASP A 253 5.30 4.84 -11.17
N ASN A 254 4.26 5.68 -11.26
CA ASN A 254 4.39 7.09 -11.61
C ASN A 254 5.08 7.91 -10.50
N ARG A 255 5.34 7.28 -9.36
CA ARG A 255 5.95 7.97 -8.22
C ARG A 255 7.48 7.73 -8.25
N ALA A 256 7.93 6.93 -9.21
CA ALA A 256 9.35 6.65 -9.33
C ALA A 256 9.79 6.58 -10.81
N THR A 257 9.00 7.15 -11.72
CA THR A 257 9.35 7.15 -13.13
C THR A 257 9.03 8.46 -13.83
N GLN A 258 9.63 8.60 -15.01
CA GLN A 258 9.08 9.38 -16.11
C GLN A 258 8.85 8.45 -17.29
N HIS A 259 8.00 8.89 -18.21
CA HIS A 259 7.89 8.21 -19.49
C HIS A 259 7.74 9.19 -20.66
N ARG A 260 7.75 8.62 -21.87
CA ARG A 260 7.82 9.38 -23.08
C ARG A 260 7.38 8.50 -24.22
N ALA A 261 6.44 9.02 -24.98
CA ALA A 261 5.96 8.43 -26.22
C ALA A 261 6.94 8.75 -27.37
N ILE A 262 6.93 7.93 -28.40
CA ILE A 262 7.90 8.15 -29.49
C ILE A 262 7.17 8.22 -30.81
N ASP A 263 7.38 9.31 -31.52
CA ASP A 263 6.72 9.60 -32.81
C ASP A 263 7.53 9.00 -33.96
N ASP A 264 7.65 7.67 -33.98
CA ASP A 264 8.42 6.99 -35.03
C ASP A 264 7.65 5.94 -35.83
N TYR A 265 6.35 6.16 -35.98
CA TYR A 265 5.51 5.23 -36.74
C TYR A 265 4.74 5.93 -37.86
N ASP A 266 5.23 7.10 -38.28
CA ASP A 266 4.65 7.86 -39.40
C ASP A 266 3.13 8.04 -39.37
N ASP A 267 2.55 8.34 -38.20
CA ASP A 267 1.07 8.43 -38.12
C ASP A 267 0.33 7.23 -38.77
N GLN A 268 0.79 6.01 -38.50
CA GLN A 268 -0.05 4.85 -38.70
C GLN A 268 -0.95 4.79 -37.45
N HIS A 269 -2.07 4.09 -37.57
CA HIS A 269 -3.00 3.94 -36.45
C HIS A 269 -2.34 3.18 -35.29
N ARG A 270 -2.50 3.75 -34.10
CA ARG A 270 -1.97 3.19 -32.88
C ARG A 270 -2.96 3.48 -31.77
N LEU A 271 -3.37 2.46 -31.01
CA LEU A 271 -4.29 2.64 -29.89
C LEU A 271 -3.86 1.79 -28.70
N LEU A 272 -3.73 2.42 -27.55
CA LEU A 272 -3.54 1.72 -26.30
C LEU A 272 -4.56 2.24 -25.30
N HIS A 273 -5.01 1.38 -24.39
CA HIS A 273 -6.02 1.76 -23.39
C HIS A 273 -5.38 1.83 -21.99
N ARG A 274 -5.60 2.96 -21.32
CA ARG A 274 -4.95 3.24 -20.04
C ARG A 274 -5.98 3.28 -18.91
N VAL A 275 -5.64 2.68 -17.78
CA VAL A 275 -6.33 2.96 -16.51
C VAL A 275 -5.32 3.50 -15.51
N THR A 276 -5.68 4.56 -14.83
CA THR A 276 -4.80 5.25 -13.93
C THR A 276 -5.30 5.08 -12.50
N LEU A 277 -4.36 4.93 -11.55
CA LEU A 277 -4.66 4.80 -10.12
C LEU A 277 -4.32 6.06 -9.34
N MET A 278 -5.22 6.44 -8.44
CA MET A 278 -5.02 7.57 -7.56
C MET A 278 -3.69 7.50 -6.78
N GLY A 279 -3.05 8.66 -6.70
CA GLY A 279 -1.86 8.83 -5.88
C GLY A 279 -2.07 9.88 -4.82
N ASP A 280 -1.00 10.18 -4.10
CA ASP A 280 -1.03 11.06 -2.94
C ASP A 280 -0.10 12.25 -3.19
N VAL A 281 -0.08 13.20 -2.26
CA VAL A 281 0.74 14.38 -2.39
C VAL A 281 2.15 14.01 -1.97
N PRO A 282 3.16 14.40 -2.78
CA PRO A 282 4.58 14.24 -2.42
C PRO A 282 4.97 14.84 -1.06
N VAL A 283 5.89 14.15 -0.38
CA VAL A 283 6.55 14.67 0.79
C VAL A 283 8.04 14.76 0.49
N ASP A 284 8.68 15.86 0.86
CA ASP A 284 10.12 15.98 0.67
C ASP A 284 10.89 15.28 1.81
N VAL A 285 12.21 15.37 1.81
CA VAL A 285 13.00 14.63 2.79
C VAL A 285 12.88 15.19 4.24
N HIS A 286 12.26 16.37 4.41
CA HIS A 286 12.03 16.98 5.75
C HIS A 286 10.56 16.86 6.13
N GLY A 287 9.74 16.16 5.35
CA GLY A 287 8.34 15.98 5.68
C GLY A 287 7.38 17.06 5.18
N GLN A 288 7.88 18.03 4.40
CA GLN A 288 7.04 19.08 3.82
CA GLN A 288 7.02 19.08 3.85
C GLN A 288 6.26 18.57 2.61
N ARG A 289 4.97 18.90 2.55
CA ARG A 289 4.13 18.49 1.43
C ARG A 289 4.12 19.52 0.29
N SER A 290 3.81 19.04 -0.92
CA SER A 290 3.62 19.93 -2.07
C SER A 290 2.62 21.03 -1.77
N ARG A 291 2.79 22.18 -2.42
CA ARG A 291 1.90 23.32 -2.21
C ARG A 291 1.05 23.63 -3.45
N VAL A 292 -0.27 23.64 -3.27
CA VAL A 292 -1.19 24.04 -4.31
C VAL A 292 -1.15 25.56 -4.46
N ILE A 293 -0.80 26.05 -5.64
CA ILE A 293 -0.84 27.48 -5.91
C ILE A 293 -2.15 27.80 -6.60
N SER A 294 -2.55 26.95 -7.53
CA SER A 294 -3.80 27.12 -8.25
C SER A 294 -4.38 25.76 -8.63
N GLY A 295 -5.70 25.64 -8.56
CA GLY A 295 -6.41 24.39 -8.80
C GLY A 295 -6.79 23.73 -7.50
N ALA A 296 -7.17 22.45 -7.59
CA ALA A 296 -7.54 21.65 -6.44
C ALA A 296 -7.08 20.22 -6.66
N PRO A 297 -7.01 19.41 -5.58
CA PRO A 297 -6.61 18.00 -5.70
C PRO A 297 -7.51 17.21 -6.64
N LEU A 298 -6.96 16.21 -7.33
CA LEU A 298 -7.76 15.25 -8.08
C LEU A 298 -8.65 14.53 -7.06
N ALA A 299 -9.88 14.18 -7.43
CA ALA A 299 -10.86 13.67 -6.43
C ALA A 299 -11.62 12.37 -6.78
N LEU A 300 -12.08 12.22 -8.03
CA LEU A 300 -12.98 11.10 -8.41
C LEU A 300 -14.34 11.20 -7.70
N LEU B 8 -22.35 -27.09 3.18
CA LEU B 8 -22.59 -25.62 3.05
C LEU B 8 -21.81 -24.88 4.15
N ILE B 9 -21.24 -23.72 3.82
CA ILE B 9 -20.51 -22.92 4.80
C ILE B 9 -21.48 -21.99 5.50
N THR B 10 -21.42 -21.95 6.83
CA THR B 10 -22.32 -21.14 7.64
C THR B 10 -21.53 -20.19 8.58
N VAL B 11 -22.00 -18.96 8.72
CA VAL B 11 -21.31 -17.92 9.47
C VAL B 11 -22.22 -17.44 10.58
N LYS B 12 -21.82 -17.66 11.83
CA LYS B 12 -22.61 -17.32 13.01
C LYS B 12 -22.01 -16.13 13.74
N LYS B 13 -22.75 -15.04 13.77
CA LYS B 13 -22.40 -13.86 14.52
C LYS B 13 -22.30 -14.15 16.02
N LEU B 14 -21.26 -13.65 16.65
CA LEU B 14 -20.99 -13.87 18.07
C LEU B 14 -21.33 -12.67 18.95
N GLY B 15 -21.43 -11.48 18.35
CA GLY B 15 -21.79 -10.26 19.08
C GLY B 15 -22.15 -9.19 18.08
N SER B 16 -22.76 -8.12 18.53
CA SER B 16 -23.27 -7.11 17.62
C SER B 16 -22.22 -6.51 16.68
N ARG B 17 -21.00 -6.31 17.16
CA ARG B 17 -20.02 -5.50 16.41
C ARG B 17 -18.81 -6.29 15.93
N ILE B 18 -18.53 -7.42 16.54
CA ILE B 18 -17.32 -8.16 16.21
C ILE B 18 -17.49 -9.65 16.52
N GLY B 19 -16.95 -10.46 15.62
CA GLY B 19 -16.72 -11.87 15.87
C GLY B 19 -17.77 -12.74 15.19
N ALA B 20 -17.29 -13.84 14.62
CA ALA B 20 -18.17 -14.84 14.01
C ALA B 20 -17.50 -16.18 14.03
N GLN B 21 -18.32 -17.22 14.13
CA GLN B 21 -17.86 -18.58 14.05
C GLN B 21 -18.29 -19.09 12.69
N VAL B 22 -17.35 -19.70 12.00
CA VAL B 22 -17.57 -20.24 10.69
C VAL B 22 -17.66 -21.75 10.85
N ASP B 23 -18.76 -22.31 10.39
CA ASP B 23 -18.97 -23.76 10.40
C ASP B 23 -19.06 -24.28 8.98
N GLY B 24 -18.76 -25.56 8.84
CA GLY B 24 -18.91 -26.28 7.58
C GLY B 24 -17.64 -26.32 6.76
N VAL B 25 -16.55 -25.82 7.33
CA VAL B 25 -15.27 -25.73 6.63
C VAL B 25 -14.17 -26.53 7.33
N SER B 26 -13.45 -27.32 6.55
CA SER B 26 -12.22 -27.98 7.00
C SER B 26 -11.02 -27.24 6.40
N LEU B 27 -10.28 -26.54 7.27
CA LEU B 27 -9.20 -25.65 6.79
C LEU B 27 -8.08 -26.48 6.18
N GLY B 28 -7.53 -25.98 5.07
CA GLY B 28 -6.48 -26.70 4.36
C GLY B 28 -6.13 -26.09 3.03
N ALA B 29 -5.16 -26.72 2.36
CA ALA B 29 -4.67 -26.22 1.08
C ALA B 29 -5.68 -26.36 -0.06
N ASP B 30 -6.67 -27.23 0.10
CA ASP B 30 -7.49 -27.70 -1.03
C ASP B 30 -8.82 -26.95 -1.19
N LEU B 31 -9.08 -25.94 -0.38
CA LEU B 31 -10.36 -25.24 -0.47
C LEU B 31 -10.55 -24.61 -1.85
N ASP B 32 -11.77 -24.66 -2.37
CA ASP B 32 -12.04 -24.06 -3.68
C ASP B 32 -12.28 -22.54 -3.59
N ALA B 33 -12.26 -21.88 -4.74
CA ALA B 33 -12.41 -20.42 -4.82
C ALA B 33 -13.68 -19.91 -4.12
N ALA B 34 -14.79 -20.65 -4.25
CA ALA B 34 -16.05 -20.27 -3.61
C ALA B 34 -15.94 -20.28 -2.06
N ALA B 35 -15.22 -21.26 -1.52
CA ALA B 35 -15.02 -21.37 -0.08
C ALA B 35 -14.09 -20.27 0.45
N VAL B 36 -12.99 -20.04 -0.26
CA VAL B 36 -12.05 -18.97 0.10
C VAL B 36 -12.70 -17.60 0.01
N ASP B 37 -13.52 -17.37 -1.03
CA ASP B 37 -14.28 -16.12 -1.12
C ASP B 37 -15.15 -15.92 0.13
N GLN B 38 -15.78 -17.00 0.58
CA GLN B 38 -16.68 -16.93 1.72
C GLN B 38 -15.93 -16.65 3.02
N ILE B 39 -14.83 -17.35 3.25
CA ILE B 39 -13.91 -17.11 4.38
C ILE B 39 -13.48 -15.64 4.41
N ARG B 40 -13.01 -15.14 3.29
CA ARG B 40 -12.50 -13.79 3.23
C ARG B 40 -13.59 -12.77 3.53
N ALA B 41 -14.77 -12.95 2.95
CA ALA B 41 -15.86 -12.02 3.15
C ALA B 41 -16.28 -11.99 4.65
N ALA B 42 -16.29 -13.15 5.29
CA ALA B 42 -16.61 -13.26 6.72
C ALA B 42 -15.58 -12.49 7.56
N LEU B 43 -14.31 -12.71 7.23
CA LEU B 43 -13.20 -12.04 7.89
C LEU B 43 -13.39 -10.52 7.80
N LEU B 44 -13.60 -10.00 6.60
CA LEU B 44 -13.69 -8.56 6.42
C LEU B 44 -14.91 -7.94 7.15
N GLU B 45 -16.03 -8.66 7.14
CA GLU B 45 -17.25 -8.18 7.79
C GLU B 45 -17.19 -8.29 9.32
N HIS B 46 -16.72 -9.41 9.85
CA HIS B 46 -16.76 -9.71 11.30
C HIS B 46 -15.45 -9.43 12.04
N LYS B 47 -14.38 -9.12 11.30
CA LYS B 47 -13.10 -8.61 11.83
C LYS B 47 -12.24 -9.68 12.50
N VAL B 48 -12.87 -10.59 13.27
CA VAL B 48 -12.20 -11.81 13.73
C VAL B 48 -13.14 -12.98 13.58
N ILE B 49 -12.64 -14.06 12.99
CA ILE B 49 -13.43 -15.26 12.75
C ILE B 49 -12.73 -16.47 13.31
N PHE B 50 -13.55 -17.44 13.72
CA PHE B 50 -13.09 -18.61 14.46
C PHE B 50 -13.59 -19.90 13.83
N PHE B 51 -12.68 -20.87 13.78
CA PHE B 51 -12.95 -22.18 13.23
C PHE B 51 -12.63 -23.18 14.34
N ARG B 52 -13.59 -24.04 14.67
CA ARG B 52 -13.39 -24.99 15.76
C ARG B 52 -13.25 -26.37 15.19
N ASN B 53 -12.69 -27.27 16.01
CA ASN B 53 -12.55 -28.69 15.68
C ASN B 53 -11.73 -28.96 14.42
N GLN B 54 -10.75 -28.09 14.18
CA GLN B 54 -9.77 -28.28 13.12
C GLN B 54 -8.64 -29.20 13.62
N HIS B 55 -9.02 -30.39 14.08
CA HIS B 55 -8.09 -31.31 14.74
C HIS B 55 -7.00 -31.83 13.79
N HIS B 56 -7.30 -31.85 12.51
CA HIS B 56 -6.38 -32.32 11.46
C HIS B 56 -5.17 -31.41 11.17
N LEU B 57 -5.18 -30.17 11.65
CA LEU B 57 -4.17 -29.18 11.22
C LEU B 57 -2.79 -29.35 11.86
N ASP B 58 -1.77 -29.03 11.10
CA ASP B 58 -0.39 -28.94 11.56
C ASP B 58 0.23 -27.66 10.98
N ASP B 59 1.49 -27.40 11.30
CA ASP B 59 2.16 -26.21 10.77
C ASP B 59 2.08 -26.13 9.23
N GLN B 60 2.41 -27.21 8.51
CA GLN B 60 2.46 -27.18 7.05
C GLN B 60 1.09 -26.86 6.46
N GLN B 61 0.03 -27.48 6.97
CA GLN B 61 -1.29 -27.21 6.39
C GLN B 61 -1.80 -25.81 6.77
N GLN B 62 -1.41 -25.32 7.94
CA GLN B 62 -1.77 -23.96 8.33
C GLN B 62 -1.12 -22.99 7.35
N LEU B 63 0.17 -23.20 7.09
CA LEU B 63 0.93 -22.35 6.17
C LEU B 63 0.36 -22.39 4.75
N GLN B 64 0.05 -23.58 4.23
CA GLN B 64 -0.58 -23.71 2.90
C GLN B 64 -1.96 -23.05 2.85
N PHE B 65 -2.79 -23.28 3.87
CA PHE B 65 -4.08 -22.58 3.92
C PHE B 65 -3.89 -21.05 3.94
N ALA B 66 -2.90 -20.59 4.72
CA ALA B 66 -2.64 -19.14 4.89
C ALA B 66 -2.35 -18.50 3.53
N GLY B 67 -1.62 -19.21 2.69
CA GLY B 67 -1.29 -18.78 1.32
C GLY B 67 -2.51 -18.52 0.43
N LEU B 68 -3.65 -19.17 0.74
CA LEU B 68 -4.89 -18.88 0.01
C LEU B 68 -5.48 -17.50 0.33
N LEU B 69 -5.10 -16.94 1.47
CA LEU B 69 -5.59 -15.60 1.86
C LEU B 69 -4.58 -14.47 1.60
N GLY B 70 -3.31 -14.82 1.40
CA GLY B 70 -2.26 -13.83 1.09
C GLY B 70 -0.84 -14.39 1.17
N THR B 71 0.13 -13.51 1.47
CA THR B 71 1.53 -13.88 1.50
C THR B 71 2.12 -13.96 2.91
N PRO B 72 2.46 -15.19 3.37
CA PRO B 72 3.04 -15.31 4.69
C PRO B 72 4.38 -14.62 4.80
N ILE B 73 4.59 -13.85 5.85
CA ILE B 73 5.87 -13.21 6.08
C ILE B 73 6.36 -13.40 7.50
N GLY B 74 7.66 -13.21 7.72
CA GLY B 74 8.25 -13.25 9.08
C GLY B 74 8.10 -11.91 9.79
N HIS B 75 8.47 -11.86 11.07
CA HIS B 75 8.44 -10.61 11.89
C HIS B 75 9.66 -9.73 11.63
N ASN B 99 0.20 -8.52 26.21
CA ASN B 99 -0.55 -7.97 27.36
C ASN B 99 -1.04 -6.54 27.27
N ARG B 100 -0.76 -5.89 26.14
CA ARG B 100 -1.22 -4.54 25.93
C ARG B 100 -1.98 -4.52 24.62
N TRP B 101 -3.02 -3.71 24.57
CA TRP B 101 -3.83 -3.63 23.37
C TRP B 101 -2.98 -3.02 22.23
N HIS B 102 -2.97 -3.70 21.09
CA HIS B 102 -2.18 -3.22 19.95
C HIS B 102 -2.70 -3.77 18.63
N THR B 103 -2.24 -3.13 17.55
CA THR B 103 -2.36 -3.63 16.19
C THR B 103 -0.96 -4.09 15.82
N ASP B 104 -0.83 -5.22 15.12
CA ASP B 104 0.50 -5.85 14.97
C ASP B 104 1.45 -5.04 14.10
N VAL B 105 2.66 -4.84 14.62
CA VAL B 105 3.78 -4.33 13.87
C VAL B 105 3.50 -2.94 13.29
N THR B 106 2.65 -2.14 13.95
CA THR B 106 2.33 -0.80 13.42
C THR B 106 3.49 0.22 13.48
N PHE B 107 4.61 -0.15 14.11
CA PHE B 107 5.85 0.62 13.96
C PHE B 107 6.42 0.57 12.52
N ALA B 108 5.96 -0.41 11.72
CA ALA B 108 6.33 -0.52 10.29
C ALA B 108 5.28 0.16 9.43
N ALA B 109 5.70 0.71 8.29
CA ALA B 109 4.81 1.41 7.38
C ALA B 109 3.79 0.48 6.74
N ASN B 110 4.25 -0.65 6.22
CA ASN B 110 3.35 -1.59 5.55
C ASN B 110 3.14 -2.80 6.46
N TYR B 111 2.43 -2.56 7.56
CA TYR B 111 2.25 -3.60 8.58
C TYR B 111 1.26 -4.66 8.11
N PRO B 112 1.26 -5.83 8.75
CA PRO B 112 0.48 -6.97 8.22
C PRO B 112 -1.02 -6.75 8.08
N ALA B 113 -1.59 -7.39 7.07
CA ALA B 113 -3.01 -7.33 6.78
C ALA B 113 -3.83 -8.21 7.73
N ALA B 114 -3.29 -9.36 8.11
CA ALA B 114 -4.08 -10.39 8.78
C ALA B 114 -3.19 -11.42 9.38
N SER B 115 -3.70 -12.14 10.37
CA SER B 115 -2.99 -13.30 10.94
C SER B 115 -3.89 -14.50 11.09
N ILE B 116 -3.28 -15.68 11.10
CA ILE B 116 -3.98 -16.93 11.30
C ILE B 116 -3.34 -17.58 12.50
N LEU B 117 -4.12 -17.80 13.57
CA LEU B 117 -3.57 -18.24 14.84
C LEU B 117 -4.22 -19.55 15.26
N ARG B 118 -3.40 -20.57 15.50
CA ARG B 118 -3.93 -21.91 15.79
C ARG B 118 -3.46 -22.35 17.19
N ALA B 119 -4.41 -22.87 17.97
CA ALA B 119 -4.09 -23.45 19.27
C ALA B 119 -3.32 -24.73 19.05
N VAL B 120 -2.21 -24.89 19.78
CA VAL B 120 -1.48 -26.13 19.83
C VAL B 120 -1.64 -26.82 21.19
N THR B 121 -1.27 -26.10 22.26
CA THR B 121 -1.46 -26.59 23.64
CA THR B 121 -1.51 -26.60 23.62
C THR B 121 -2.01 -25.47 24.51
N LEU B 122 -3.02 -25.81 25.32
CA LEU B 122 -3.77 -24.83 26.08
C LEU B 122 -3.73 -25.14 27.58
N PRO B 123 -3.70 -24.10 28.43
CA PRO B 123 -3.67 -24.32 29.88
C PRO B 123 -5.00 -24.87 30.40
N ASN B 124 -5.02 -25.34 31.64
CA ASN B 124 -6.26 -25.92 32.23
C ASN B 124 -7.31 -24.86 32.58
N TYR B 125 -6.88 -23.62 32.79
CA TYR B 125 -7.81 -22.50 32.95
C TYR B 125 -7.19 -21.20 32.44
N GLY B 126 -8.02 -20.21 32.14
CA GLY B 126 -7.56 -18.92 31.56
C GLY B 126 -7.05 -19.04 30.14
N GLY B 127 -6.30 -18.02 29.69
CA GLY B 127 -5.68 -18.04 28.36
C GLY B 127 -6.54 -17.48 27.25
N SER B 128 -7.54 -16.70 27.61
CA SER B 128 -8.38 -16.10 26.60
C SER B 128 -7.64 -14.99 25.84
N THR B 129 -8.20 -14.60 24.69
CA THR B 129 -7.67 -13.52 23.88
C THR B 129 -8.78 -12.53 23.57
N LEU B 130 -8.43 -11.23 23.58
CA LEU B 130 -9.37 -10.17 23.26
C LEU B 130 -9.12 -9.55 21.87
N TRP B 131 -10.19 -9.22 21.15
CA TRP B 131 -10.10 -8.42 19.94
C TRP B 131 -11.10 -7.28 20.00
N ALA B 132 -10.73 -6.18 19.34
CA ALA B 132 -11.56 -4.98 19.21
C ALA B 132 -11.76 -4.59 17.75
N ASN B 133 -12.92 -4.03 17.44
CA ASN B 133 -13.23 -3.59 16.11
C ASN B 133 -12.91 -2.11 15.92
N THR B 134 -11.86 -1.79 15.15
CA THR B 134 -11.46 -0.39 14.98
C THR B 134 -12.25 0.37 13.90
N ALA B 135 -13.02 -0.35 13.09
CA ALA B 135 -13.93 0.27 12.13
C ALA B 135 -15.20 0.80 12.86
N THR B 136 -15.84 -0.04 13.68
CA THR B 136 -17.00 0.41 14.43
C THR B 136 -16.59 1.50 15.43
N ALA B 137 -15.41 1.38 16.04
CA ALA B 137 -14.96 2.44 16.95
C ALA B 137 -14.94 3.81 16.25
N TYR B 138 -14.48 3.84 15.00
CA TYR B 138 -14.50 5.08 14.24
C TYR B 138 -15.92 5.56 13.96
N ALA B 139 -16.76 4.66 13.47
CA ALA B 139 -18.12 5.00 13.03
C ALA B 139 -18.95 5.54 14.19
N GLU B 140 -18.69 5.07 15.41
CA GLU B 140 -19.45 5.48 16.60
CA GLU B 140 -19.50 5.52 16.55
C GLU B 140 -18.95 6.78 17.22
N LEU B 141 -17.87 7.33 16.69
CA LEU B 141 -17.31 8.55 17.28
C LEU B 141 -18.27 9.71 17.09
N PRO B 142 -18.46 10.53 18.14
CA PRO B 142 -19.18 11.78 17.91
C PRO B 142 -18.45 12.62 16.87
N GLU B 143 -19.21 13.44 16.15
CA GLU B 143 -18.68 14.23 15.03
C GLU B 143 -17.44 15.03 15.36
N PRO B 144 -17.47 15.76 16.48
CA PRO B 144 -16.27 16.54 16.80
C PRO B 144 -15.03 15.65 16.94
N LEU B 145 -15.19 14.43 17.45
CA LEU B 145 -14.09 13.51 17.59
C LEU B 145 -13.65 12.90 16.24
N LYS B 146 -14.60 12.69 15.33
CA LYS B 146 -14.28 12.29 13.97
C LYS B 146 -13.44 13.41 13.31
N CYS B 147 -13.82 14.66 13.50
CA CYS B 147 -13.04 15.77 12.94
C CYS B 147 -11.57 15.73 13.44
N LEU B 148 -11.40 15.54 14.73
CA LEU B 148 -10.06 15.36 15.32
C LEU B 148 -9.25 14.20 14.67
N VAL B 149 -9.80 12.99 14.71
CA VAL B 149 -9.02 11.82 14.33
C VAL B 149 -8.70 11.80 12.83
N GLU B 150 -9.60 12.35 12.02
CA GLU B 150 -9.39 12.38 10.58
C GLU B 150 -8.22 13.30 10.17
N ASN B 151 -7.77 14.16 11.11
CA ASN B 151 -6.68 15.07 10.87
C ASN B 151 -5.49 14.88 11.83
N LEU B 152 -5.49 13.76 12.52
CA LEU B 152 -4.47 13.45 13.50
C LEU B 152 -3.52 12.34 12.99
N TRP B 153 -2.26 12.45 13.40
CA TRP B 153 -1.18 11.53 13.02
C TRP B 153 -0.46 11.09 14.28
N ALA B 154 0.04 9.85 14.26
CA ALA B 154 0.70 9.27 15.42
C ALA B 154 2.06 8.69 15.04
N LEU B 155 3.03 8.87 15.91
CA LEU B 155 4.32 8.23 15.76
C LEU B 155 4.23 6.87 16.42
N HIS B 156 4.42 5.81 15.63
CA HIS B 156 4.53 4.45 16.15
C HIS B 156 5.99 4.04 16.11
N THR B 157 6.48 3.42 17.18
CA THR B 157 7.84 2.94 17.22
C THR B 157 7.90 1.58 17.92
N ASN B 158 8.98 0.85 17.65
CA ASN B 158 9.26 -0.42 18.34
C ASN B 158 10.17 -0.29 19.57
N ARG B 159 10.36 0.90 20.13
CA ARG B 159 11.26 1.06 21.28
C ARG B 159 10.52 1.39 22.57
N PRO B 185 15.84 -3.70 15.05
CA PRO B 185 16.46 -2.43 15.43
C PRO B 185 15.46 -1.26 15.42
N ASP B 186 15.63 -0.22 14.61
CA ASP B 186 14.88 1.04 14.81
C ASP B 186 13.79 1.40 13.77
N PHE B 187 12.54 1.07 14.11
CA PHE B 187 11.38 1.44 13.31
C PHE B 187 10.63 2.59 13.95
N ARG B 188 10.42 3.64 13.17
CA ARG B 188 9.59 4.75 13.56
C ARG B 188 8.82 5.19 12.32
N THR B 189 7.49 5.21 12.44
CA THR B 189 6.59 5.54 11.35
C THR B 189 5.54 6.52 11.83
N GLU B 190 5.22 7.52 11.03
CA GLU B 190 4.05 8.38 11.28
C GLU B 190 2.86 7.87 10.51
N HIS B 191 1.84 7.38 11.22
CA HIS B 191 0.64 6.85 10.61
C HIS B 191 -0.51 7.77 10.85
N PRO B 192 -1.47 7.78 9.91
CA PRO B 192 -2.71 8.50 10.21
C PRO B 192 -3.53 7.75 11.29
N VAL B 193 -4.32 8.46 12.08
CA VAL B 193 -5.12 7.82 13.14
C VAL B 193 -6.39 7.22 12.52
N VAL B 194 -6.74 7.68 11.33
CA VAL B 194 -7.82 7.08 10.58
C VAL B 194 -7.26 6.58 9.25
N ARG B 195 -7.45 5.27 9.03
CA ARG B 195 -7.04 4.53 7.85
C ARG B 195 -8.27 4.17 7.00
N VAL B 196 -8.23 4.30 5.67
CA VAL B 196 -9.33 3.80 4.81
C VAL B 196 -8.95 2.42 4.31
N HIS B 197 -9.67 1.42 4.81
CA HIS B 197 -9.40 0.03 4.53
C HIS B 197 -9.43 -0.23 3.00
N PRO B 198 -8.39 -0.88 2.48
CA PRO B 198 -8.26 -0.99 1.00
C PRO B 198 -9.22 -1.96 0.31
N GLU B 199 -9.84 -2.89 1.04
CA GLU B 199 -10.85 -3.78 0.44
C GLU B 199 -12.24 -3.31 0.76
N THR B 200 -12.49 -2.90 2.01
CA THR B 200 -13.85 -2.57 2.42
C THR B 200 -14.20 -1.10 2.24
N GLY B 201 -13.20 -0.22 2.17
CA GLY B 201 -13.44 1.22 2.17
C GLY B 201 -13.86 1.77 3.54
N GLU B 202 -13.96 0.93 4.55
CA GLU B 202 -14.35 1.41 5.88
C GLU B 202 -13.24 2.21 6.53
N ARG B 203 -13.60 3.29 7.20
CA ARG B 203 -12.62 4.02 8.00
C ARG B 203 -12.39 3.34 9.35
N THR B 204 -11.13 3.20 9.74
CA THR B 204 -10.74 2.42 10.92
C THR B 204 -9.67 3.19 11.73
N LEU B 205 -9.77 3.08 13.07
CA LEU B 205 -8.86 3.78 13.97
C LEU B 205 -7.54 3.03 14.08
N LEU B 206 -6.45 3.77 13.96
CA LEU B 206 -5.11 3.19 14.02
C LEU B 206 -4.41 3.82 15.20
N ALA B 207 -4.18 3.02 16.25
CA ALA B 207 -3.60 3.51 17.49
C ALA B 207 -2.91 2.32 18.14
N GLY B 208 -3.19 2.07 19.41
CA GLY B 208 -2.58 0.93 20.10
C GLY B 208 -1.22 1.19 20.70
N ASP B 209 -0.63 0.16 21.30
CA ASP B 209 0.48 0.32 22.23
C ASP B 209 1.80 0.80 21.61
N PHE B 210 1.97 0.65 20.31
CA PHE B 210 3.17 1.17 19.63
C PHE B 210 3.18 2.69 19.45
N VAL B 211 2.05 3.35 19.66
CA VAL B 211 1.98 4.81 19.62
C VAL B 211 2.79 5.42 20.76
N ARG B 212 3.69 6.33 20.40
CA ARG B 212 4.49 7.04 21.36
C ARG B 212 3.96 8.46 21.60
N GLY B 213 3.27 9.03 20.63
CA GLY B 213 2.71 10.37 20.78
C GLY B 213 2.00 10.72 19.51
N PHE B 214 1.23 11.81 19.55
CA PHE B 214 0.55 12.30 18.34
C PHE B 214 1.36 13.47 17.84
N VAL B 215 1.57 13.51 16.53
CA VAL B 215 2.37 14.57 15.89
C VAL B 215 1.79 15.93 16.18
N GLY B 216 2.66 16.83 16.64
CA GLY B 216 2.33 18.20 16.94
C GLY B 216 1.75 18.45 18.33
N LEU B 217 1.54 17.38 19.11
CA LEU B 217 0.90 17.51 20.42
C LEU B 217 1.97 17.25 21.45
N ASP B 218 1.91 17.90 22.60
CA ASP B 218 2.87 17.52 23.66
C ASP B 218 2.45 16.20 24.35
N SER B 219 3.19 15.79 25.37
CA SER B 219 3.01 14.44 25.84
C SER B 219 1.79 14.23 26.74
N GLN B 220 1.33 15.24 27.49
CA GLN B 220 0.14 15.06 28.33
C GLN B 220 -1.15 15.13 27.49
N GLU B 221 -1.22 16.08 26.58
CA GLU B 221 -2.29 16.11 25.56
C GLU B 221 -2.38 14.78 24.83
N SER B 222 -1.23 14.25 24.41
CA SER B 222 -1.16 13.00 23.67
C SER B 222 -1.72 11.82 24.45
N SER B 223 -1.31 11.69 25.70
CA SER B 223 -1.82 10.63 26.58
C SER B 223 -3.31 10.74 26.79
N ALA B 224 -3.80 11.96 27.05
CA ALA B 224 -5.23 12.17 27.23
C ALA B 224 -6.03 11.70 26.00
N LEU B 225 -5.61 12.13 24.81
CA LEU B 225 -6.31 11.71 23.59
C LEU B 225 -6.17 10.21 23.32
N PHE B 226 -4.97 9.66 23.54
CA PHE B 226 -4.74 8.24 23.38
C PHE B 226 -5.67 7.42 24.26
N GLU B 227 -5.71 7.78 25.54
CA GLU B 227 -6.57 7.04 26.47
C GLU B 227 -8.06 7.14 26.13
N LEU B 228 -8.49 8.32 25.68
CA LEU B 228 -9.87 8.49 25.30
C LEU B 228 -10.21 7.61 24.10
N LEU B 229 -9.32 7.54 23.11
CA LEU B 229 -9.55 6.70 21.94
C LEU B 229 -9.52 5.20 22.29
N GLN B 230 -8.50 4.78 23.04
CA GLN B 230 -8.41 3.39 23.45
C GLN B 230 -9.59 2.93 24.29
N ARG B 231 -10.13 3.82 25.12
CA ARG B 231 -11.26 3.47 25.95
C ARG B 231 -12.47 3.13 25.06
N ARG B 232 -12.67 3.87 23.98
CA ARG B 232 -13.72 3.55 23.02
C ARG B 232 -13.39 2.30 22.24
N ILE B 233 -12.16 2.17 21.74
CA ILE B 233 -11.82 1.01 20.93
C ILE B 233 -12.00 -0.28 21.73
N THR B 234 -11.68 -0.24 23.01
CA THR B 234 -11.64 -1.45 23.82
C THR B 234 -12.85 -1.63 24.76
N SER B 235 -13.92 -0.85 24.60
CA SER B 235 -15.08 -1.06 25.44
C SER B 235 -15.67 -2.45 25.22
N PRO B 236 -16.24 -3.06 26.26
CA PRO B 236 -16.83 -4.39 26.11
C PRO B 236 -17.80 -4.54 24.93
N GLU B 237 -18.55 -3.48 24.65
CA GLU B 237 -19.51 -3.48 23.55
C GLU B 237 -18.83 -3.70 22.18
N ASN B 238 -17.55 -3.39 22.13
CA ASN B 238 -16.80 -3.33 20.87
C ASN B 238 -15.75 -4.40 20.78
N THR B 239 -15.81 -5.37 21.67
CA THR B 239 -14.81 -6.39 21.78
C THR B 239 -15.41 -7.75 21.95
N ILE B 240 -14.60 -8.76 21.67
CA ILE B 240 -14.92 -10.15 21.96
C ILE B 240 -13.74 -10.76 22.70
N ARG B 241 -14.06 -11.61 23.67
CA ARG B 241 -13.08 -12.34 24.46
C ARG B 241 -13.26 -13.81 24.17
N TRP B 242 -12.29 -14.43 23.50
CA TRP B 242 -12.42 -15.79 23.05
C TRP B 242 -11.83 -16.79 24.02
N ASN B 243 -12.60 -17.84 24.34
CA ASN B 243 -12.09 -18.94 25.17
C ASN B 243 -11.66 -20.07 24.25
N TRP B 244 -10.38 -20.39 24.31
CA TRP B 244 -9.77 -21.30 23.37
C TRP B 244 -10.05 -22.75 23.77
N GLU B 245 -10.32 -23.56 22.77
CA GLU B 245 -10.35 -25.01 22.92
C GLU B 245 -9.48 -25.66 21.84
N SER B 246 -9.05 -26.89 22.10
CA SER B 246 -8.24 -27.67 21.18
C SER B 246 -8.94 -27.70 19.83
N GLY B 247 -8.19 -27.44 18.76
CA GLY B 247 -8.75 -27.49 17.42
C GLY B 247 -9.15 -26.14 16.89
N ASP B 248 -9.07 -25.10 17.74
CA ASP B 248 -9.49 -23.75 17.36
C ASP B 248 -8.46 -23.06 16.49
N VAL B 249 -8.96 -22.32 15.51
CA VAL B 249 -8.13 -21.42 14.73
C VAL B 249 -8.84 -20.08 14.67
N ALA B 250 -8.11 -18.99 14.93
CA ALA B 250 -8.65 -17.65 14.70
C ALA B 250 -7.96 -16.92 13.57
N ILE B 251 -8.74 -16.16 12.81
CA ILE B 251 -8.22 -15.30 11.76
C ILE B 251 -8.75 -13.92 12.01
N TRP B 252 -7.86 -12.94 12.06
CA TRP B 252 -8.30 -11.55 12.18
C TRP B 252 -7.64 -10.64 11.16
N ASP B 253 -8.39 -9.59 10.83
CA ASP B 253 -8.01 -8.52 9.97
C ASP B 253 -7.32 -7.41 10.76
N ASN B 254 -6.00 -7.39 10.67
CA ASN B 254 -5.17 -6.45 11.42
C ASN B 254 -5.31 -4.98 10.93
N ARG B 255 -6.03 -4.80 9.82
CA ARG B 255 -6.32 -3.49 9.29
C ARG B 255 -7.59 -2.90 9.90
N ALA B 256 -8.30 -3.68 10.71
CA ALA B 256 -9.55 -3.20 11.33
C ALA B 256 -9.75 -3.74 12.75
N THR B 257 -8.65 -4.12 13.42
CA THR B 257 -8.71 -4.59 14.79
C THR B 257 -7.51 -4.15 15.62
N GLN B 258 -7.64 -4.31 16.93
CA GLN B 258 -6.51 -4.44 17.86
C GLN B 258 -6.77 -5.76 18.56
N HIS B 259 -5.75 -6.30 19.20
CA HIS B 259 -5.95 -7.42 20.08
C HIS B 259 -5.07 -7.33 21.30
N ARG B 260 -5.30 -8.26 22.23
CA ARG B 260 -4.61 -8.28 23.49
C ARG B 260 -4.61 -9.68 24.06
N ALA B 261 -3.42 -10.16 24.44
CA ALA B 261 -3.27 -11.36 25.25
C ALA B 261 -3.70 -11.08 26.71
N ILE B 262 -4.05 -12.14 27.43
CA ILE B 262 -4.47 -12.01 28.81
C ILE B 262 -3.67 -12.99 29.69
N ASP B 263 -2.96 -12.43 30.67
CA ASP B 263 -2.14 -13.18 31.60
C ASP B 263 -2.97 -13.71 32.78
N ASP B 264 -3.92 -14.62 32.52
CA ASP B 264 -4.77 -15.15 33.57
C ASP B 264 -4.75 -16.68 33.69
N TYR B 265 -3.59 -17.25 33.38
CA TYR B 265 -3.41 -18.71 33.45
C TYR B 265 -2.19 -19.11 34.29
N ASP B 266 -1.77 -18.21 35.18
CA ASP B 266 -0.68 -18.46 36.15
C ASP B 266 0.56 -19.13 35.52
N ASP B 267 0.99 -18.73 34.35
CA ASP B 267 2.20 -19.35 33.76
C ASP B 267 2.14 -20.89 33.54
N GLN B 268 0.95 -21.45 33.38
CA GLN B 268 0.79 -22.78 32.83
C GLN B 268 1.24 -22.70 31.35
N HIS B 269 1.74 -23.82 30.81
CA HIS B 269 2.18 -23.89 29.42
C HIS B 269 1.04 -23.59 28.45
N ARG B 270 1.28 -22.63 27.58
CA ARG B 270 0.37 -22.25 26.52
C ARG B 270 1.17 -22.03 25.23
N LEU B 271 0.70 -22.64 24.14
CA LEU B 271 1.35 -22.55 22.84
C LEU B 271 0.32 -22.39 21.71
N LEU B 272 0.42 -21.27 20.99
CA LEU B 272 -0.32 -21.07 19.76
C LEU B 272 0.66 -20.76 18.61
N HIS B 273 0.33 -21.20 17.39
CA HIS B 273 1.16 -20.94 16.21
C HIS B 273 0.50 -19.93 15.26
N ARG B 274 1.26 -18.89 14.90
CA ARG B 274 0.75 -17.76 14.14
C ARG B 274 1.42 -17.67 12.76
N VAL B 275 0.61 -17.52 11.70
CA VAL B 275 1.07 -17.07 10.39
C VAL B 275 0.50 -15.68 10.12
N THR B 276 1.36 -14.78 9.69
CA THR B 276 1.01 -13.39 9.47
C THR B 276 1.13 -13.07 7.97
N LEU B 277 0.18 -12.31 7.43
CA LEU B 277 0.10 -11.99 5.99
C LEU B 277 0.43 -10.53 5.65
N MET B 278 1.18 -10.37 4.57
CA MET B 278 1.67 -9.06 4.15
C MET B 278 0.53 -8.08 3.95
N GLY B 279 0.72 -6.87 4.46
CA GLY B 279 -0.23 -5.78 4.22
C GLY B 279 0.40 -4.67 3.42
N ASP B 280 -0.26 -3.52 3.39
CA ASP B 280 0.10 -2.38 2.55
C ASP B 280 0.24 -1.14 3.44
N VAL B 281 0.73 -0.04 2.87
CA VAL B 281 0.89 1.20 3.63
C VAL B 281 -0.47 1.88 3.72
N PRO B 282 -0.87 2.32 4.93
CA PRO B 282 -2.14 3.04 5.07
C PRO B 282 -2.31 4.29 4.22
N VAL B 283 -3.56 4.58 3.90
CA VAL B 283 -3.97 5.86 3.33
CA VAL B 283 -3.97 5.87 3.35
C VAL B 283 -5.01 6.49 4.27
N ASP B 284 -4.92 7.80 4.47
CA ASP B 284 -5.87 8.49 5.36
C ASP B 284 -7.11 8.89 4.55
N VAL B 285 -8.06 9.59 5.17
CA VAL B 285 -9.30 9.91 4.47
C VAL B 285 -9.05 10.90 3.31
N HIS B 286 -7.91 11.58 3.34
CA HIS B 286 -7.59 12.52 2.27
C HIS B 286 -6.69 11.92 1.18
N GLY B 287 -6.33 10.64 1.29
CA GLY B 287 -5.42 10.06 0.31
C GLY B 287 -3.96 9.96 0.71
N GLN B 288 -3.57 10.61 1.81
CA GLN B 288 -2.16 10.69 2.24
C GLN B 288 -1.68 9.37 2.86
N ARG B 289 -0.46 8.94 2.53
CA ARG B 289 0.05 7.67 3.02
C ARG B 289 0.87 7.89 4.27
N SER B 290 1.08 6.82 5.03
CA SER B 290 2.00 6.85 6.13
C SER B 290 3.37 7.34 5.68
N ARG B 291 4.12 7.87 6.63
CA ARG B 291 5.43 8.40 6.37
C ARG B 291 6.48 7.71 7.26
N VAL B 292 7.48 7.11 6.61
CA VAL B 292 8.58 6.43 7.29
C VAL B 292 9.54 7.45 7.91
N ILE B 293 9.79 7.36 9.21
CA ILE B 293 10.76 8.24 9.89
C ILE B 293 12.09 7.51 10.05
N SER B 294 12.05 6.26 10.49
CA SER B 294 13.24 5.43 10.55
C SER B 294 12.91 4.00 10.18
N GLY B 295 13.87 3.33 9.58
CA GLY B 295 13.71 1.94 9.18
C GLY B 295 13.25 1.82 7.75
N ALA B 296 12.82 0.60 7.41
CA ALA B 296 12.53 0.18 6.04
C ALA B 296 11.22 -0.59 5.99
N PRO B 297 10.53 -0.57 4.85
CA PRO B 297 9.31 -1.36 4.75
C PRO B 297 9.56 -2.86 4.91
N LEU B 298 8.54 -3.62 5.24
CA LEU B 298 8.69 -5.06 5.36
C LEU B 298 8.81 -5.66 3.94
N ALA B 299 9.70 -6.65 3.80
CA ALA B 299 10.00 -7.27 2.48
C ALA B 299 9.20 -8.54 2.31
N LEU B 300 8.67 -8.72 1.09
CA LEU B 300 7.89 -9.92 0.74
C LEU B 300 8.76 -11.16 1.02
N ALA B 301 10.06 -11.04 0.75
CA ALA B 301 11.09 -12.05 1.12
C ALA B 301 11.09 -12.34 2.64
#